data_4TS5
#
_entry.id   4TS5
#
_cell.length_a   134.648
_cell.length_b   134.648
_cell.length_c   53.081
_cell.angle_alpha   90.00
_cell.angle_beta   90.00
_cell.angle_gamma   120.00
#
_symmetry.space_group_name_H-M   'P 61'
#
loop_
_entity.id
_entity.type
_entity.pdbx_description
1 polymer 'Purine phosphoribosyltransferase (GpT-1)'
2 non-polymer 'ADENOSINE MONOPHOSPHATE'
3 non-polymer 'PHOSPHATE ION'
4 water water
#
_entity_poly.entity_id   1
_entity_poly.type   'polypeptide(L)'
_entity_poly.pdbx_seq_one_letter_code
;MQKIPVKVVTWDEIVSLSTKLAEKIKADEYNVNVIVAIARGGLVPARLVADVLGVFDILSIKIEHWIETASHTPEAKVKY
PFKVDLSDKNVLIIDDITDTGDSIELARKYVMENFRPTEVKTATLQYIKPAAKIIPDYYAEEIVSWAWFMYPWNYWEDEI
NLVNKILIERKTKDIDINELKRNFVESYGIENPPISLDKILTEMKRRKIV
;
_entity_poly.pdbx_strand_id   A,B
#
# COMPACT_ATOMS: atom_id res chain seq x y z
N GLN A 2 -11.27 30.53 2.02
CA GLN A 2 -10.88 30.08 0.68
C GLN A 2 -9.45 29.55 0.66
N LYS A 3 -8.66 29.96 1.65
CA LYS A 3 -7.35 29.39 1.87
C LYS A 3 -7.50 28.06 2.62
N ILE A 4 -6.83 27.02 2.12
CA ILE A 4 -6.83 25.74 2.81
C ILE A 4 -5.39 25.41 3.21
N PRO A 5 -5.15 25.20 4.51
CA PRO A 5 -3.81 24.79 4.90
C PRO A 5 -3.52 23.39 4.37
N VAL A 6 -2.49 23.25 3.56
CA VAL A 6 -2.17 21.96 2.96
C VAL A 6 -0.70 21.60 3.21
N LYS A 7 -0.46 20.37 3.68
CA LYS A 7 0.91 19.87 3.89
C LYS A 7 1.21 18.72 2.94
N VAL A 8 2.24 18.88 2.12
CA VAL A 8 2.67 17.81 1.24
C VAL A 8 3.55 16.82 2.01
N VAL A 9 3.10 15.58 2.13
CA VAL A 9 3.82 14.59 2.91
C VAL A 9 4.68 13.76 1.95
N THR A 10 5.95 13.57 2.31
CA THR A 10 6.88 12.86 1.45
C THR A 10 6.93 11.37 1.80
N TRP A 11 7.52 10.59 0.92
CA TRP A 11 7.78 9.19 1.22
C TRP A 11 8.60 9.00 2.50
N ASP A 12 9.64 9.80 2.69
CA ASP A 12 10.46 9.68 3.88
C ASP A 12 9.65 9.95 5.13
N GLU A 13 8.75 10.91 5.06
CA GLU A 13 7.94 11.21 6.23
C GLU A 13 6.99 10.05 6.51
N ILE A 14 6.48 9.46 5.44
CA ILE A 14 5.62 8.30 5.56
C ILE A 14 6.35 7.15 6.24
N VAL A 15 7.57 6.88 5.79
CA VAL A 15 8.39 5.83 6.37
C VAL A 15 8.63 6.12 7.85
N SER A 16 9.06 7.34 8.13
CA SER A 16 9.28 7.78 9.51
C SER A 16 8.01 7.59 10.36
N LEU A 17 6.87 8.08 9.89
CA LEU A 17 5.62 7.91 10.62
C LEU A 17 5.25 6.44 10.86
N SER A 18 5.32 5.63 9.81
CA SER A 18 4.91 4.23 9.91
C SER A 18 5.81 3.49 10.90
N THR A 19 7.10 3.80 10.84
CA THR A 19 8.07 3.16 11.72
C THR A 19 7.80 3.59 13.14
N LYS A 20 7.58 4.89 13.34
CA LYS A 20 7.27 5.38 14.68
C LYS A 20 5.99 4.72 15.20
N LEU A 21 5.00 4.56 14.33
CA LEU A 21 3.77 3.87 14.71
C LEU A 21 4.05 2.44 15.14
N ALA A 22 4.80 1.70 14.31
CA ALA A 22 5.17 0.33 14.66
C ALA A 22 5.90 0.22 16.00
N GLU A 23 6.84 1.14 16.24
CA GLU A 23 7.57 1.16 17.50
C GLU A 23 6.66 1.27 18.73
N LYS A 24 5.62 2.10 18.65
CA LYS A 24 4.67 2.21 19.76
C LYS A 24 3.98 0.88 20.03
N ILE A 25 3.68 0.16 18.95
CA ILE A 25 2.99 -1.10 19.08
C ILE A 25 3.93 -2.18 19.65
N LYS A 26 5.19 -2.18 19.20
CA LYS A 26 6.19 -3.04 19.80
C LYS A 26 6.32 -2.79 21.29
N ALA A 27 6.45 -1.51 21.66
CA ALA A 27 6.68 -1.13 23.04
C ALA A 27 5.50 -1.51 23.92
N ASP A 28 4.31 -1.52 23.34
CA ASP A 28 3.11 -1.88 24.08
C ASP A 28 2.97 -3.40 24.12
N GLU A 29 3.81 -4.07 23.35
CA GLU A 29 3.78 -5.51 23.29
C GLU A 29 2.43 -6.11 22.89
N TYR A 30 1.70 -5.40 22.04
CA TYR A 30 0.51 -5.99 21.43
C TYR A 30 0.96 -6.91 20.29
N ASN A 31 0.65 -8.19 20.42
CA ASN A 31 1.10 -9.18 19.44
C ASN A 31 0.09 -9.32 18.31
N VAL A 32 0.42 -8.74 17.16
CA VAL A 32 -0.52 -8.64 16.05
C VAL A 32 -0.43 -9.85 15.16
N ASN A 33 -1.56 -10.51 14.92
CA ASN A 33 -1.61 -11.64 14.02
C ASN A 33 -2.06 -11.17 12.65
N VAL A 34 -3.06 -10.30 12.66
CA VAL A 34 -3.70 -9.85 11.44
C VAL A 34 -3.86 -8.35 11.41
N ILE A 35 -3.43 -7.76 10.30
CA ILE A 35 -3.71 -6.36 10.04
C ILE A 35 -4.91 -6.23 9.11
N VAL A 36 -5.86 -5.39 9.49
CA VAL A 36 -6.94 -5.05 8.59
C VAL A 36 -6.73 -3.60 8.16
N ALA A 37 -6.30 -3.44 6.92
CA ALA A 37 -6.15 -2.12 6.32
C ALA A 37 -7.50 -1.58 5.90
N ILE A 38 -7.74 -0.31 6.20
CA ILE A 38 -8.87 0.40 5.64
C ILE A 38 -8.51 0.97 4.26
N ALA A 39 -9.14 0.45 3.20
CA ALA A 39 -8.88 0.94 1.84
C ALA A 39 -9.68 2.22 1.59
N ARG A 40 -9.08 3.19 0.89
CA ARG A 40 -7.77 3.05 0.29
C ARG A 40 -6.64 3.66 1.13
N GLY A 41 -6.98 4.53 2.06
CA GLY A 41 -5.98 5.34 2.76
C GLY A 41 -5.01 4.55 3.62
N GLY A 42 -5.44 3.38 4.10
CA GLY A 42 -4.63 2.62 5.01
C GLY A 42 -3.77 1.55 4.35
N LEU A 43 -3.89 1.40 3.03
CA LEU A 43 -3.19 0.32 2.35
C LEU A 43 -1.69 0.45 2.51
N VAL A 44 -1.15 1.64 2.23
CA VAL A 44 0.30 1.82 2.29
C VAL A 44 0.84 1.75 3.73
N PRO A 45 0.29 2.56 4.64
CA PRO A 45 0.71 2.49 6.05
C PRO A 45 0.62 1.05 6.56
N ALA A 46 -0.48 0.35 6.24
CA ALA A 46 -0.62 -1.06 6.65
C ALA A 46 0.59 -1.91 6.21
N ARG A 47 0.93 -1.84 4.92
CA ARG A 47 2.06 -2.61 4.40
C ARG A 47 3.35 -2.30 5.15
N LEU A 48 3.59 -1.01 5.40
CA LEU A 48 4.84 -0.58 6.03
C LEU A 48 4.92 -1.00 7.51
N VAL A 49 3.85 -0.78 8.24
CA VAL A 49 3.79 -1.22 9.62
C VAL A 49 4.00 -2.75 9.70
N ALA A 50 3.38 -3.48 8.76
CA ALA A 50 3.50 -4.94 8.74
C ALA A 50 4.95 -5.37 8.54
N ASP A 51 5.69 -4.64 7.71
CA ASP A 51 7.09 -4.90 7.47
C ASP A 51 7.92 -4.73 8.75
N VAL A 52 7.62 -3.69 9.52
CA VAL A 52 8.38 -3.40 10.75
C VAL A 52 8.02 -4.38 11.87
N LEU A 53 6.75 -4.71 12.00
CA LEU A 53 6.30 -5.61 13.06
C LEU A 53 6.48 -7.09 12.73
N GLY A 54 6.54 -7.41 11.45
CA GLY A 54 6.63 -8.80 11.03
C GLY A 54 5.26 -9.45 10.91
N VAL A 55 4.28 -8.71 10.41
CA VAL A 55 2.96 -9.28 10.19
C VAL A 55 2.81 -9.76 8.73
N PHE A 56 2.32 -10.98 8.55
CA PHE A 56 2.20 -11.59 7.24
C PHE A 56 0.77 -11.53 6.69
N ASP A 57 -0.21 -11.53 7.59
CA ASP A 57 -1.61 -11.52 7.17
C ASP A 57 -2.21 -10.12 7.17
N ILE A 58 -2.40 -9.57 5.98
CA ILE A 58 -3.03 -8.28 5.83
C ILE A 58 -4.26 -8.49 4.99
N LEU A 59 -5.41 -8.09 5.53
CA LEU A 59 -6.66 -8.00 4.81
C LEU A 59 -7.06 -6.51 4.66
N SER A 60 -8.03 -6.21 3.81
CA SER A 60 -8.52 -4.85 3.76
C SER A 60 -10.03 -4.80 3.58
N ILE A 61 -10.63 -3.73 4.12
CA ILE A 61 -12.03 -3.44 3.85
C ILE A 61 -12.12 -2.04 3.23
N LYS A 62 -12.96 -1.91 2.21
CA LYS A 62 -13.12 -0.62 1.56
C LYS A 62 -14.21 0.17 2.27
N ILE A 63 -13.81 1.29 2.88
CA ILE A 63 -14.75 2.18 3.53
C ILE A 63 -14.99 3.43 2.66
N GLU A 64 -16.25 3.68 2.34
CA GLU A 64 -16.66 4.86 1.60
C GLU A 64 -17.07 5.95 2.57
N HIS A 65 -17.04 7.19 2.10
CA HIS A 65 -17.42 8.36 2.90
C HIS A 65 -18.49 9.16 2.17
N TRP A 66 -19.72 9.09 2.67
CA TRP A 66 -20.86 9.74 2.04
C TRP A 66 -21.35 10.97 2.81
N ILE A 67 -21.83 11.97 2.08
CA ILE A 67 -22.46 13.11 2.71
C ILE A 67 -23.88 13.28 2.14
N GLU A 68 -24.86 13.45 3.00
CA GLU A 68 -26.21 13.70 2.52
C GLU A 68 -26.32 15.18 2.18
N THR A 69 -26.79 15.47 0.97
CA THR A 69 -26.59 16.83 0.45
C THR A 69 -27.51 17.89 1.04
N ALA A 70 -28.67 17.48 1.55
CA ALA A 70 -29.53 18.41 2.28
C ALA A 70 -29.12 18.59 3.75
N SER A 71 -29.07 17.49 4.51
CA SER A 71 -28.68 17.53 5.91
C SER A 71 -27.19 17.72 6.17
N HIS A 72 -26.36 17.40 5.18
CA HIS A 72 -24.91 17.43 5.35
C HIS A 72 -24.43 16.39 6.35
N THR A 73 -25.24 15.35 6.55
CA THR A 73 -24.87 14.26 7.45
C THR A 73 -23.78 13.39 6.84
N PRO A 74 -22.65 13.22 7.55
CA PRO A 74 -21.59 12.33 7.08
C PRO A 74 -21.97 10.90 7.41
N GLU A 75 -21.70 9.98 6.50
CA GLU A 75 -21.73 8.57 6.86
C GLU A 75 -20.70 7.69 6.17
N ALA A 76 -19.94 6.96 6.99
CA ALA A 76 -18.96 6.03 6.49
C ALA A 76 -19.67 4.71 6.23
N LYS A 77 -19.23 3.98 5.22
CA LYS A 77 -19.91 2.77 4.82
C LYS A 77 -18.93 1.79 4.19
N VAL A 78 -19.01 0.54 4.61
CA VAL A 78 -18.23 -0.50 3.95
C VAL A 78 -18.82 -0.91 2.60
N LYS A 79 -18.00 -0.88 1.56
CA LYS A 79 -18.43 -1.36 0.25
C LYS A 79 -17.85 -2.76 0.02
N TYR A 80 -18.56 -3.58 -0.76
CA TYR A 80 -18.20 -4.98 -0.93
C TYR A 80 -17.93 -5.66 0.40
N PRO A 81 -18.88 -5.55 1.34
CA PRO A 81 -18.69 -6.19 2.65
C PRO A 81 -18.58 -7.71 2.54
N PHE A 82 -17.79 -8.31 3.42
CA PHE A 82 -17.61 -9.75 3.42
C PHE A 82 -17.27 -10.19 4.83
N LYS A 83 -17.30 -11.50 5.08
CA LYS A 83 -16.94 -12.04 6.38
C LYS A 83 -15.82 -13.02 6.24
N VAL A 84 -14.92 -13.03 7.22
CA VAL A 84 -13.93 -14.09 7.32
C VAL A 84 -13.82 -14.40 8.79
N ASP A 85 -13.30 -15.58 9.10
CA ASP A 85 -13.24 -16.03 10.48
C ASP A 85 -11.89 -15.69 11.08
N LEU A 86 -11.86 -14.65 11.91
CA LEU A 86 -10.62 -14.22 12.56
C LEU A 86 -10.56 -14.56 14.05
N SER A 87 -11.41 -15.50 14.48
CA SER A 87 -11.38 -15.92 15.88
C SER A 87 -10.02 -16.50 16.24
N ASP A 88 -9.59 -16.26 17.47
CA ASP A 88 -8.24 -16.65 17.91
C ASP A 88 -7.12 -15.80 17.29
N LYS A 89 -7.47 -14.68 16.66
CA LYS A 89 -6.46 -13.74 16.16
C LYS A 89 -6.55 -12.38 16.89
N ASN A 90 -5.39 -11.76 17.12
CA ASN A 90 -5.35 -10.36 17.50
C ASN A 90 -5.26 -9.53 16.23
N VAL A 91 -6.19 -8.59 16.09
CA VAL A 91 -6.27 -7.77 14.89
C VAL A 91 -5.83 -6.35 15.15
N LEU A 92 -5.08 -5.79 14.22
CA LEU A 92 -4.76 -4.38 14.23
C LEU A 92 -5.34 -3.73 12.97
N ILE A 93 -6.23 -2.76 13.19
CA ILE A 93 -6.83 -2.00 12.09
C ILE A 93 -5.99 -0.77 11.85
N ILE A 94 -5.66 -0.53 10.58
CA ILE A 94 -4.80 0.61 10.23
C ILE A 94 -5.42 1.53 9.19
N ASP A 95 -5.30 2.83 9.43
CA ASP A 95 -5.67 3.85 8.44
C ASP A 95 -4.59 4.92 8.42
N ASP A 96 -4.68 5.83 7.45
CA ASP A 96 -3.70 6.89 7.32
C ASP A 96 -3.81 7.93 8.43
N ILE A 97 -5.01 8.48 8.62
CA ILE A 97 -5.22 9.56 9.59
C ILE A 97 -6.60 9.51 10.23
N THR A 98 -6.66 9.71 11.54
CA THR A 98 -7.92 9.89 12.21
C THR A 98 -8.27 11.38 12.21
N ASP A 99 -9.34 11.73 11.53
CA ASP A 99 -9.83 13.11 11.53
C ASP A 99 -10.98 13.23 12.52
N THR A 100 -12.18 12.87 12.08
CA THR A 100 -13.34 12.82 12.96
C THR A 100 -13.34 11.53 13.76
N GLY A 101 -12.71 10.49 13.21
CA GLY A 101 -12.76 9.17 13.83
C GLY A 101 -13.93 8.29 13.36
N ASP A 102 -14.76 8.81 12.47
CA ASP A 102 -15.87 8.05 11.90
C ASP A 102 -15.41 6.75 11.22
N SER A 103 -14.35 6.81 10.41
CA SER A 103 -13.86 5.62 9.73
C SER A 103 -13.37 4.52 10.68
N ILE A 104 -12.51 4.87 11.64
CA ILE A 104 -11.99 3.84 12.54
C ILE A 104 -13.08 3.28 13.44
N GLU A 105 -14.03 4.13 13.82
CA GLU A 105 -15.18 3.67 14.59
C GLU A 105 -16.01 2.65 13.82
N LEU A 106 -16.28 2.93 12.55
CA LEU A 106 -16.96 1.96 11.71
C LEU A 106 -16.13 0.68 11.55
N ALA A 107 -14.84 0.85 11.29
CA ALA A 107 -13.97 -0.28 11.01
C ALA A 107 -13.95 -1.22 12.22
N ARG A 108 -13.75 -0.66 13.40
CA ARG A 108 -13.69 -1.45 14.62
C ARG A 108 -14.98 -2.23 14.85
N LYS A 109 -16.11 -1.55 14.68
CA LYS A 109 -17.41 -2.14 14.85
C LYS A 109 -17.63 -3.25 13.81
N TYR A 110 -17.27 -2.96 12.56
CA TYR A 110 -17.43 -3.94 11.49
C TYR A 110 -16.58 -5.20 11.72
N VAL A 111 -15.34 -5.01 12.19
CA VAL A 111 -14.43 -6.11 12.38
C VAL A 111 -14.86 -6.97 13.57
N MET A 112 -15.25 -6.32 14.66
CA MET A 112 -15.77 -7.07 15.81
C MET A 112 -16.96 -7.95 15.45
N GLU A 113 -17.87 -7.42 14.63
CA GLU A 113 -19.12 -8.11 14.32
C GLU A 113 -18.99 -9.17 13.23
N ASN A 114 -18.11 -8.96 12.26
CA ASN A 114 -18.04 -9.82 11.10
C ASN A 114 -16.82 -10.73 11.00
N PHE A 115 -15.75 -10.38 11.71
CA PHE A 115 -14.53 -11.18 11.70
C PHE A 115 -14.34 -11.89 13.05
N ARG A 116 -14.93 -11.30 14.09
CA ARG A 116 -14.92 -11.89 15.43
C ARG A 116 -13.52 -12.30 15.90
N PRO A 117 -12.60 -11.33 15.98
CA PRO A 117 -11.25 -11.57 16.46
C PRO A 117 -11.24 -11.68 17.97
N THR A 118 -10.17 -12.21 18.53
CA THR A 118 -10.00 -12.28 19.97
C THR A 118 -9.89 -10.87 20.53
N GLU A 119 -9.17 -10.01 19.83
CA GLU A 119 -8.99 -8.64 20.25
C GLU A 119 -8.73 -7.69 19.07
N VAL A 120 -9.19 -6.46 19.18
CA VAL A 120 -9.06 -5.49 18.11
C VAL A 120 -8.48 -4.19 18.62
N LYS A 121 -7.39 -3.73 18.00
CA LYS A 121 -6.92 -2.36 18.22
C LYS A 121 -6.85 -1.55 16.92
N THR A 122 -6.87 -0.23 17.08
CA THR A 122 -6.81 0.69 15.94
C THR A 122 -5.53 1.52 15.94
N ALA A 123 -5.05 1.88 14.76
CA ALA A 123 -3.83 2.66 14.61
C ALA A 123 -3.85 3.51 13.35
N THR A 124 -3.44 4.77 13.49
CA THR A 124 -3.29 5.63 12.31
C THR A 124 -1.95 6.37 12.39
N LEU A 125 -1.44 6.79 11.25
CA LEU A 125 -0.20 7.56 11.24
C LEU A 125 -0.43 8.85 11.99
N GLN A 126 -1.49 9.55 11.64
CA GLN A 126 -1.76 10.85 12.23
C GLN A 126 -3.12 10.89 12.91
N TYR A 127 -3.27 11.86 13.80
CA TYR A 127 -4.45 11.96 14.64
C TYR A 127 -4.68 13.44 14.96
N ILE A 128 -5.85 13.95 14.57
CA ILE A 128 -6.14 15.38 14.73
C ILE A 128 -6.91 15.61 16.02
N LYS A 129 -6.20 16.03 17.06
CA LYS A 129 -6.78 16.11 18.40
C LYS A 129 -8.12 16.88 18.46
N PRO A 130 -8.17 18.08 17.85
CA PRO A 130 -9.36 18.91 17.95
C PRO A 130 -10.58 18.30 17.25
N ALA A 131 -10.38 17.44 16.26
CA ALA A 131 -11.51 16.97 15.45
C ALA A 131 -12.02 15.57 15.82
N ALA A 132 -11.18 14.78 16.48
CA ALA A 132 -11.45 13.36 16.65
C ALA A 132 -12.41 13.04 17.79
N LYS A 133 -13.55 12.48 17.44
CA LYS A 133 -14.50 11.99 18.43
C LYS A 133 -13.94 10.72 19.06
N ILE A 134 -13.31 9.91 18.22
CA ILE A 134 -12.67 8.67 18.67
C ILE A 134 -11.16 8.82 18.50
N ILE A 135 -10.41 8.38 19.50
CA ILE A 135 -8.95 8.39 19.40
C ILE A 135 -8.42 6.96 19.16
N PRO A 136 -7.51 6.80 18.18
CA PRO A 136 -7.00 5.46 17.86
C PRO A 136 -6.14 4.96 19.02
N ASP A 137 -6.03 3.64 19.15
CA ASP A 137 -5.20 3.08 20.21
C ASP A 137 -3.75 3.51 20.05
N TYR A 138 -3.30 3.62 18.81
CA TYR A 138 -1.95 4.04 18.53
C TYR A 138 -1.94 5.07 17.41
N TYR A 139 -1.06 6.05 17.52
CA TYR A 139 -0.83 6.98 16.43
C TYR A 139 0.62 7.42 16.51
N ALA A 140 1.18 7.79 15.38
CA ALA A 140 2.58 8.21 15.32
C ALA A 140 2.70 9.69 15.61
N GLU A 141 1.78 10.49 15.08
CA GLU A 141 1.86 11.93 15.21
C GLU A 141 0.53 12.58 15.57
N GLU A 142 0.53 13.36 16.64
CA GLU A 142 -0.64 14.14 17.01
C GLU A 142 -0.61 15.49 16.29
N ILE A 143 -1.75 15.86 15.71
CA ILE A 143 -1.93 17.15 15.04
C ILE A 143 -2.88 18.01 15.87
N VAL A 144 -2.49 19.24 16.18
CA VAL A 144 -3.33 20.08 17.03
C VAL A 144 -4.02 21.20 16.24
N SER A 145 -3.66 21.33 14.97
CA SER A 145 -4.27 22.33 14.11
C SER A 145 -4.60 21.69 12.76
N TRP A 146 -5.89 21.57 12.46
CA TRP A 146 -6.34 20.91 11.23
C TRP A 146 -5.62 21.40 9.99
N ALA A 147 -5.23 20.47 9.12
CA ALA A 147 -4.66 20.79 7.82
C ALA A 147 -4.97 19.62 6.93
N TRP A 148 -4.98 19.84 5.61
CA TRP A 148 -5.15 18.73 4.70
C TRP A 148 -3.80 18.08 4.42
N PHE A 149 -3.68 16.80 4.73
CA PHE A 149 -2.43 16.09 4.49
C PHE A 149 -2.44 15.38 3.17
N MET A 150 -1.58 15.86 2.28
CA MET A 150 -1.46 15.31 0.94
C MET A 150 -0.41 14.20 0.92
N TYR A 151 -0.87 12.94 0.95
CA TYR A 151 0.03 11.79 0.99
C TYR A 151 0.59 11.41 -0.38
N PRO A 152 1.78 10.80 -0.42
CA PRO A 152 2.48 10.50 -1.68
C PRO A 152 1.74 9.48 -2.54
N TRP A 153 0.80 8.75 -1.96
CA TRP A 153 -0.03 7.82 -2.73
C TRP A 153 -1.31 8.51 -3.24
N ASN A 154 -1.42 9.81 -2.95
CA ASN A 154 -2.61 10.59 -3.24
C ASN A 154 -2.33 11.83 -4.10
N TYR A 155 -1.11 11.99 -4.59
CA TYR A 155 -0.72 13.24 -5.24
C TYR A 155 -1.60 13.60 -6.44
N TRP A 156 -1.93 12.63 -7.28
CA TRP A 156 -2.76 12.92 -8.45
C TRP A 156 -4.17 13.31 -8.01
N GLU A 157 -4.75 12.50 -7.13
CA GLU A 157 -6.13 12.74 -6.74
C GLU A 157 -6.28 14.07 -6.02
N ASP A 158 -5.38 14.34 -5.08
CA ASP A 158 -5.49 15.55 -4.29
C ASP A 158 -5.29 16.79 -5.15
N GLU A 159 -4.32 16.74 -6.05
CA GLU A 159 -4.07 17.89 -6.92
C GLU A 159 -5.23 18.11 -7.87
N ILE A 160 -5.80 17.01 -8.37
CA ILE A 160 -6.98 17.12 -9.23
C ILE A 160 -8.09 17.87 -8.50
N ASN A 161 -8.31 17.54 -7.24
CA ASN A 161 -9.35 18.19 -6.46
C ASN A 161 -9.01 19.63 -6.09
N LEU A 162 -7.78 19.85 -5.66
CA LEU A 162 -7.30 21.19 -5.32
C LEU A 162 -7.37 22.15 -6.52
N VAL A 163 -7.06 21.65 -7.70
CA VAL A 163 -7.21 22.40 -8.93
C VAL A 163 -8.69 22.64 -9.24
N ASN A 164 -9.51 21.60 -9.11
CA ASN A 164 -10.93 21.74 -9.37
C ASN A 164 -11.58 22.79 -8.46
N LYS A 165 -11.17 22.85 -7.20
CA LYS A 165 -11.75 23.80 -6.25
C LYS A 165 -11.46 25.25 -6.66
N ILE A 166 -10.39 25.43 -7.41
CA ILE A 166 -10.05 26.74 -7.95
C ILE A 166 -10.78 27.00 -9.28
N LEU A 167 -10.80 26.00 -10.16
CA LEU A 167 -11.49 26.14 -11.46
C LEU A 167 -12.99 26.44 -11.33
N ILE A 168 -13.63 25.92 -10.28
CA ILE A 168 -15.08 26.07 -10.15
C ILE A 168 -15.44 27.47 -9.63
N GLU A 169 -14.52 28.40 -9.78
CA GLU A 169 -14.74 29.79 -9.41
C GLU A 169 -14.16 30.74 -10.44
N ARG A 170 -13.93 30.21 -11.64
CA ARG A 170 -13.25 30.91 -12.73
C ARG A 170 -13.41 32.27 -13.41
N LYS A 171 -14.52 32.46 -14.10
CA LYS A 171 -14.73 33.68 -14.88
C LYS A 171 -15.36 33.45 -16.23
N THR A 172 -14.76 32.52 -16.97
CA THR A 172 -15.32 32.07 -18.24
C THR A 172 -14.39 31.06 -18.91
N LYS A 173 -14.75 29.77 -18.78
CA LYS A 173 -13.96 28.65 -19.30
C LYS A 173 -12.50 29.01 -19.54
N ASP A 174 -11.81 29.38 -18.47
CA ASP A 174 -10.41 29.80 -18.55
C ASP A 174 -9.45 28.66 -18.82
N ILE A 175 -8.29 29.03 -19.32
CA ILE A 175 -7.17 28.13 -19.47
C ILE A 175 -6.03 28.79 -18.71
N ASP A 176 -4.85 28.89 -19.32
CA ASP A 176 -3.72 29.62 -18.73
C ASP A 176 -3.12 28.93 -17.49
N ILE A 177 -2.18 28.03 -17.73
CA ILE A 177 -1.50 27.32 -16.65
C ILE A 177 -0.88 28.26 -15.64
N ASN A 178 -0.90 29.56 -15.95
CA ASN A 178 -0.17 30.51 -15.13
C ASN A 178 -0.99 31.07 -13.99
N GLU A 179 -2.23 31.46 -14.27
CA GLU A 179 -3.08 31.95 -13.20
C GLU A 179 -3.36 30.80 -12.24
N LEU A 180 -3.59 29.62 -12.81
CA LEU A 180 -3.83 28.41 -12.02
C LEU A 180 -2.68 28.20 -11.03
N LYS A 181 -1.46 28.13 -11.57
CA LYS A 181 -0.28 27.97 -10.71
C LYS A 181 -0.22 29.03 -9.63
N ARG A 182 -0.56 30.26 -10.00
CA ARG A 182 -0.50 31.37 -9.06
C ARG A 182 -1.51 31.15 -7.93
N ASN A 183 -2.74 30.80 -8.29
CA ASN A 183 -3.81 30.58 -7.32
C ASN A 183 -3.47 29.40 -6.40
N PHE A 184 -2.83 28.39 -6.98
CA PHE A 184 -2.41 27.22 -6.22
C PHE A 184 -1.53 27.64 -5.06
N VAL A 185 -0.54 28.50 -5.36
CA VAL A 185 0.35 29.03 -4.34
C VAL A 185 -0.45 29.89 -3.35
N GLU A 186 -1.31 30.75 -3.88
CA GLU A 186 -2.09 31.65 -3.04
C GLU A 186 -3.05 30.90 -2.10
N SER A 187 -3.78 29.92 -2.65
CA SER A 187 -4.78 29.21 -1.83
C SER A 187 -4.20 28.11 -0.93
N TYR A 188 -3.14 27.44 -1.40
CA TYR A 188 -2.63 26.24 -0.73
C TYR A 188 -1.19 26.37 -0.24
N GLY A 189 -0.43 27.28 -0.83
CA GLY A 189 0.96 27.49 -0.43
C GLY A 189 1.96 26.54 -1.06
N ILE A 190 1.57 25.91 -2.16
CA ILE A 190 2.44 24.97 -2.83
C ILE A 190 3.01 25.59 -4.10
N GLU A 191 4.32 25.76 -4.11
CA GLU A 191 5.03 26.43 -5.20
C GLU A 191 5.55 25.41 -6.19
N ASN A 192 5.79 24.20 -5.70
CA ASN A 192 6.16 23.08 -6.58
C ASN A 192 5.32 21.85 -6.29
N PRO A 193 4.18 21.72 -6.99
CA PRO A 193 3.39 20.51 -6.74
C PRO A 193 4.17 19.28 -7.20
N PRO A 194 4.04 18.17 -6.45
CA PRO A 194 4.71 16.93 -6.83
C PRO A 194 4.40 16.55 -8.29
N ILE A 195 3.14 16.67 -8.70
CA ILE A 195 2.77 16.47 -10.10
C ILE A 195 2.54 17.84 -10.71
N SER A 196 3.20 18.12 -11.84
CA SER A 196 3.05 19.41 -12.53
C SER A 196 1.58 19.65 -12.91
N LEU A 197 1.14 20.89 -12.70
CA LEU A 197 -0.26 21.21 -12.97
C LEU A 197 -0.70 20.93 -14.41
N ASP A 198 0.23 21.01 -15.36
CA ASP A 198 -0.14 20.69 -16.74
C ASP A 198 -0.46 19.21 -16.87
N LYS A 199 0.25 18.41 -16.09
CA LYS A 199 0.04 16.97 -16.05
C LYS A 199 -1.38 16.69 -15.53
N ILE A 200 -1.75 17.41 -14.49
CA ILE A 200 -3.04 17.30 -13.84
C ILE A 200 -4.18 17.69 -14.78
N LEU A 201 -4.00 18.79 -15.50
CA LEU A 201 -5.02 19.28 -16.43
C LEU A 201 -5.29 18.28 -17.55
N THR A 202 -4.22 17.73 -18.12
CA THR A 202 -4.38 16.71 -19.15
C THR A 202 -5.19 15.54 -18.62
N GLU A 203 -4.89 15.12 -17.39
CA GLU A 203 -5.58 13.99 -16.80
C GLU A 203 -7.03 14.34 -16.43
N MET A 204 -7.26 15.61 -16.06
CA MET A 204 -8.63 16.08 -15.80
C MET A 204 -9.51 16.02 -17.04
N LYS A 205 -8.96 16.40 -18.19
CA LYS A 205 -9.70 16.25 -19.45
C LYS A 205 -9.97 14.78 -19.77
N ARG A 206 -8.94 13.93 -19.68
CA ARG A 206 -9.11 12.51 -19.95
C ARG A 206 -10.24 11.93 -19.11
N ARG A 207 -10.38 12.44 -17.88
CA ARG A 207 -11.40 11.95 -16.96
C ARG A 207 -12.69 12.71 -17.12
N LYS A 208 -12.71 13.60 -18.12
CA LYS A 208 -13.88 14.44 -18.41
C LYS A 208 -14.32 15.29 -17.21
N ILE A 209 -13.36 15.85 -16.48
CA ILE A 209 -13.66 16.75 -15.37
C ILE A 209 -13.60 18.17 -15.90
N VAL A 210 -12.82 18.35 -16.96
CA VAL A 210 -12.79 19.61 -17.70
C VAL A 210 -12.69 19.29 -19.20
N GLN B 2 26.08 -19.12 -4.05
CA GLN B 2 25.96 -18.48 -2.74
C GLN B 2 25.83 -16.96 -2.86
N LYS B 3 26.28 -16.43 -3.99
CA LYS B 3 25.99 -15.04 -4.35
C LYS B 3 24.55 -14.94 -4.86
N ILE B 4 23.80 -13.97 -4.36
CA ILE B 4 22.45 -13.70 -4.88
C ILE B 4 22.42 -12.29 -5.44
N PRO B 5 22.09 -12.15 -6.73
CA PRO B 5 21.97 -10.80 -7.29
C PRO B 5 20.78 -10.09 -6.62
N VAL B 6 21.03 -8.96 -5.97
CA VAL B 6 19.97 -8.25 -5.27
C VAL B 6 19.93 -6.79 -5.72
N LYS B 7 18.74 -6.29 -6.03
CA LYS B 7 18.56 -4.88 -6.39
C LYS B 7 17.70 -4.18 -5.36
N VAL B 8 18.23 -3.14 -4.76
CA VAL B 8 17.47 -2.34 -3.82
C VAL B 8 16.61 -1.33 -4.58
N VAL B 9 15.30 -1.43 -4.45
CA VAL B 9 14.39 -0.56 -5.20
C VAL B 9 13.97 0.57 -4.29
N THR B 10 14.07 1.80 -4.78
CA THR B 10 13.73 2.99 -4.01
C THR B 10 12.27 3.39 -4.20
N TRP B 11 11.79 4.30 -3.35
CA TRP B 11 10.46 4.85 -3.50
C TRP B 11 10.28 5.53 -4.86
N ASP B 12 11.28 6.31 -5.28
CA ASP B 12 11.17 6.99 -6.58
C ASP B 12 11.02 5.99 -7.72
N GLU B 13 11.77 4.90 -7.66
CA GLU B 13 11.63 3.89 -8.71
C GLU B 13 10.26 3.25 -8.66
N ILE B 14 9.74 3.05 -7.45
CA ILE B 14 8.40 2.51 -7.29
C ILE B 14 7.38 3.44 -7.95
N VAL B 15 7.50 4.73 -7.67
CA VAL B 15 6.58 5.72 -8.20
C VAL B 15 6.66 5.69 -9.72
N SER B 16 7.90 5.71 -10.21
CA SER B 16 8.14 5.67 -11.64
C SER B 16 7.54 4.42 -12.27
N LEU B 17 7.78 3.26 -11.68
CA LEU B 17 7.20 2.02 -12.21
C LEU B 17 5.68 2.04 -12.21
N SER B 18 5.09 2.43 -11.08
CA SER B 18 3.62 2.40 -10.95
C SER B 18 2.98 3.36 -11.95
N THR B 19 3.60 4.52 -12.12
CA THR B 19 3.07 5.51 -13.04
C THR B 19 3.18 4.96 -14.45
N LYS B 20 4.34 4.40 -14.77
CA LYS B 20 4.52 3.81 -16.09
C LYS B 20 3.50 2.69 -16.32
N LEU B 21 3.27 1.86 -15.31
CA LEU B 21 2.23 0.83 -15.40
C LEU B 21 0.86 1.46 -15.70
N ALA B 22 0.49 2.49 -14.94
CA ALA B 22 -0.80 3.14 -15.13
C ALA B 22 -0.97 3.70 -16.54
N GLU B 23 0.10 4.32 -17.05
CA GLU B 23 0.08 4.87 -18.41
C GLU B 23 -0.24 3.82 -19.48
N LYS B 24 0.30 2.62 -19.34
CA LYS B 24 0.02 1.57 -20.30
C LYS B 24 -1.44 1.20 -20.27
N ILE B 25 -2.03 1.25 -19.09
CA ILE B 25 -3.43 0.90 -18.93
C ILE B 25 -4.33 2.00 -19.50
N LYS B 26 -3.93 3.26 -19.26
CA LYS B 26 -4.62 4.39 -19.88
C LYS B 26 -4.59 4.24 -21.39
N ALA B 27 -3.40 3.98 -21.93
CA ALA B 27 -3.20 3.97 -23.37
C ALA B 27 -3.98 2.83 -24.02
N ASP B 28 -4.20 1.77 -23.25
CA ASP B 28 -4.96 0.64 -23.75
C ASP B 28 -6.44 0.89 -23.56
N GLU B 29 -6.76 1.98 -22.86
CA GLU B 29 -8.15 2.35 -22.60
C GLU B 29 -8.98 1.24 -21.95
N TYR B 30 -8.35 0.46 -21.09
CA TYR B 30 -9.09 -0.45 -20.22
C TYR B 30 -9.67 0.36 -19.08
N ASN B 31 -10.99 0.40 -18.98
CA ASN B 31 -11.68 1.19 -17.97
C ASN B 31 -11.85 0.38 -16.69
N VAL B 32 -11.04 0.69 -15.69
CA VAL B 32 -11.02 -0.13 -14.48
C VAL B 32 -12.02 0.39 -13.47
N ASN B 33 -12.90 -0.49 -12.99
CA ASN B 33 -13.83 -0.13 -11.94
C ASN B 33 -13.27 -0.53 -10.59
N VAL B 34 -12.67 -1.72 -10.56
CA VAL B 34 -12.21 -2.30 -9.31
C VAL B 34 -10.81 -2.87 -9.43
N ILE B 35 -9.95 -2.48 -8.50
CA ILE B 35 -8.63 -3.08 -8.39
C ILE B 35 -8.66 -4.15 -7.30
N VAL B 36 -8.15 -5.33 -7.64
CA VAL B 36 -7.94 -6.36 -6.63
C VAL B 36 -6.43 -6.49 -6.41
N ALA B 37 -5.97 -5.98 -5.26
CA ALA B 37 -4.57 -6.10 -4.90
C ALA B 37 -4.32 -7.48 -4.34
N ILE B 38 -3.21 -8.08 -4.75
CA ILE B 38 -2.73 -9.31 -4.12
C ILE B 38 -1.89 -8.91 -2.90
N ALA B 39 -2.35 -9.29 -1.70
CA ALA B 39 -1.59 -8.99 -0.48
C ALA B 39 -0.51 -10.06 -0.29
N ARG B 40 0.67 -9.68 0.19
CA ARG B 40 0.97 -8.33 0.60
C ARG B 40 1.69 -7.51 -0.46
N GLY B 41 2.30 -8.17 -1.44
CA GLY B 41 3.17 -7.47 -2.37
C GLY B 41 2.49 -6.43 -3.25
N GLY B 42 1.20 -6.60 -3.49
CA GLY B 42 0.49 -5.75 -4.44
C GLY B 42 -0.18 -4.55 -3.78
N LEU B 43 -0.17 -4.48 -2.46
CA LEU B 43 -0.90 -3.43 -1.76
C LEU B 43 -0.43 -2.03 -2.16
N VAL B 44 0.88 -1.79 -2.10
CA VAL B 44 1.41 -0.47 -2.43
C VAL B 44 1.25 -0.13 -3.93
N PRO B 45 1.75 -1.00 -4.83
CA PRO B 45 1.55 -0.74 -6.26
C PRO B 45 0.07 -0.48 -6.59
N ALA B 46 -0.82 -1.30 -6.03
CA ALA B 46 -2.26 -1.11 -6.23
C ALA B 46 -2.71 0.32 -5.84
N ARG B 47 -2.34 0.78 -4.66
CA ARG B 47 -2.71 2.12 -4.23
C ARG B 47 -2.22 3.18 -5.21
N LEU B 48 -0.96 3.09 -5.61
CA LEU B 48 -0.34 4.07 -6.50
C LEU B 48 -0.95 4.08 -7.90
N VAL B 49 -1.14 2.90 -8.49
CA VAL B 49 -1.81 2.79 -9.78
C VAL B 49 -3.23 3.36 -9.69
N ALA B 50 -3.92 3.09 -8.58
CA ALA B 50 -5.28 3.61 -8.41
C ALA B 50 -5.30 5.13 -8.39
N ASP B 51 -4.27 5.72 -7.79
CA ASP B 51 -4.17 7.17 -7.72
C ASP B 51 -4.00 7.78 -9.11
N VAL B 52 -3.19 7.13 -9.95
CA VAL B 52 -2.93 7.60 -11.30
C VAL B 52 -4.13 7.39 -12.23
N LEU B 53 -4.79 6.24 -12.12
CA LEU B 53 -5.93 5.93 -12.99
C LEU B 53 -7.25 6.55 -12.52
N GLY B 54 -7.35 6.84 -11.23
CA GLY B 54 -8.58 7.35 -10.64
C GLY B 54 -9.52 6.22 -10.25
N VAL B 55 -8.98 5.14 -9.69
CA VAL B 55 -9.82 4.06 -9.19
C VAL B 55 -10.05 4.20 -7.69
N PHE B 56 -11.31 4.07 -7.28
CA PHE B 56 -11.71 4.28 -5.89
C PHE B 56 -11.93 2.96 -5.14
N ASP B 57 -12.33 1.92 -5.86
CA ASP B 57 -12.59 0.63 -5.23
C ASP B 57 -11.37 -0.28 -5.33
N ILE B 58 -10.71 -0.46 -4.21
CA ILE B 58 -9.62 -1.41 -4.11
C ILE B 58 -10.00 -2.46 -3.06
N LEU B 59 -9.97 -3.72 -3.49
CA LEU B 59 -10.07 -4.87 -2.59
C LEU B 59 -8.73 -5.62 -2.61
N SER B 60 -8.55 -6.54 -1.67
CA SER B 60 -7.34 -7.36 -1.68
C SER B 60 -7.62 -8.79 -1.26
N ILE B 61 -6.85 -9.71 -1.82
CA ILE B 61 -6.89 -11.10 -1.39
C ILE B 61 -5.48 -11.47 -0.95
N LYS B 62 -5.38 -12.19 0.16
CA LYS B 62 -4.07 -12.61 0.64
C LYS B 62 -3.68 -13.95 0.02
N ILE B 63 -2.60 -13.94 -0.75
CA ILE B 63 -2.09 -15.15 -1.38
C ILE B 63 -0.81 -15.59 -0.68
N GLU B 64 -0.84 -16.82 -0.17
CA GLU B 64 0.32 -17.44 0.45
C GLU B 64 1.13 -18.19 -0.60
N HIS B 65 2.41 -18.41 -0.31
CA HIS B 65 3.28 -19.21 -1.15
C HIS B 65 3.91 -20.37 -0.36
N TRP B 66 3.50 -21.59 -0.70
CA TRP B 66 3.95 -22.77 0.02
C TRP B 66 4.87 -23.64 -0.83
N ILE B 67 5.83 -24.30 -0.18
CA ILE B 67 6.65 -25.28 -0.87
C ILE B 67 6.61 -26.61 -0.11
N GLU B 68 6.36 -27.69 -0.83
CA GLU B 68 6.34 -29.02 -0.21
C GLU B 68 7.80 -29.44 -0.04
N THR B 69 8.18 -29.82 1.17
CA THR B 69 9.61 -29.93 1.47
C THR B 69 10.28 -31.16 0.85
N ALA B 70 9.55 -32.24 0.62
CA ALA B 70 10.12 -33.38 -0.09
C ALA B 70 10.14 -33.14 -1.60
N SER B 71 8.97 -32.92 -2.19
CA SER B 71 8.88 -32.76 -3.64
C SER B 71 9.41 -31.39 -4.12
N HIS B 72 9.43 -30.42 -3.23
CA HIS B 72 9.76 -29.06 -3.62
C HIS B 72 8.70 -28.42 -4.54
N THR B 73 7.49 -28.96 -4.52
CA THR B 73 6.39 -28.41 -5.31
C THR B 73 5.95 -27.06 -4.72
N PRO B 74 5.92 -26.02 -5.55
CA PRO B 74 5.38 -24.71 -5.16
C PRO B 74 3.87 -24.68 -5.28
N GLU B 75 3.20 -24.09 -4.30
CA GLU B 75 1.77 -23.85 -4.45
C GLU B 75 1.34 -22.54 -3.82
N ALA B 76 0.68 -21.73 -4.63
CA ALA B 76 0.09 -20.49 -4.17
C ALA B 76 -1.31 -20.79 -3.64
N LYS B 77 -1.75 -20.04 -2.63
CA LYS B 77 -3.00 -20.37 -1.96
C LYS B 77 -3.59 -19.12 -1.33
N VAL B 78 -4.88 -18.92 -1.56
CA VAL B 78 -5.57 -17.81 -0.93
C VAL B 78 -5.86 -18.13 0.53
N LYS B 79 -5.45 -17.23 1.43
CA LYS B 79 -5.84 -17.35 2.82
C LYS B 79 -7.01 -16.40 3.14
N TYR B 80 -7.82 -16.77 4.13
CA TYR B 80 -9.05 -16.05 4.42
C TYR B 80 -9.87 -15.77 3.15
N PRO B 81 -10.17 -16.83 2.38
CA PRO B 81 -10.92 -16.62 1.14
C PRO B 81 -12.34 -16.11 1.42
N PHE B 82 -12.87 -15.30 0.50
CA PHE B 82 -14.19 -14.73 0.66
C PHE B 82 -14.77 -14.43 -0.71
N LYS B 83 -16.07 -14.16 -0.77
CA LYS B 83 -16.70 -13.83 -2.03
C LYS B 83 -17.34 -12.46 -1.95
N VAL B 84 -17.26 -11.71 -3.04
CA VAL B 84 -18.07 -10.50 -3.18
C VAL B 84 -18.58 -10.49 -4.59
N ASP B 85 -19.64 -9.72 -4.82
CA ASP B 85 -20.27 -9.69 -6.12
C ASP B 85 -19.70 -8.56 -6.96
N LEU B 86 -18.83 -8.90 -7.90
CA LEU B 86 -18.24 -7.90 -8.78
C LEU B 86 -18.79 -7.95 -10.22
N SER B 87 -19.94 -8.57 -10.40
CA SER B 87 -20.58 -8.59 -11.72
C SER B 87 -20.85 -7.17 -12.21
N ASP B 88 -20.70 -6.95 -13.51
CA ASP B 88 -20.84 -5.60 -14.09
C ASP B 88 -19.67 -4.68 -13.75
N LYS B 89 -18.57 -5.24 -13.24
CA LYS B 89 -17.35 -4.46 -13.03
C LYS B 89 -16.21 -5.01 -13.89
N ASN B 90 -15.36 -4.11 -14.38
CA ASN B 90 -14.07 -4.48 -14.95
C ASN B 90 -13.05 -4.46 -13.82
N VAL B 91 -12.36 -5.57 -13.65
CA VAL B 91 -11.40 -5.71 -12.55
C VAL B 91 -9.97 -5.70 -13.05
N LEU B 92 -9.11 -5.00 -12.32
CA LEU B 92 -7.68 -5.07 -12.57
C LEU B 92 -6.98 -5.66 -11.34
N ILE B 93 -6.32 -6.78 -11.54
CA ILE B 93 -5.56 -7.44 -10.48
C ILE B 93 -4.12 -6.95 -10.52
N ILE B 94 -3.59 -6.54 -9.37
CA ILE B 94 -2.25 -5.96 -9.30
C ILE B 94 -1.37 -6.69 -8.29
N ASP B 95 -0.13 -6.96 -8.71
CA ASP B 95 0.91 -7.47 -7.83
C ASP B 95 2.22 -6.71 -8.11
N ASP B 96 3.22 -6.92 -7.26
CA ASP B 96 4.50 -6.23 -7.43
C ASP B 96 5.28 -6.74 -8.64
N ILE B 97 5.46 -8.05 -8.72
CA ILE B 97 6.30 -8.64 -9.76
C ILE B 97 5.83 -10.03 -10.15
N THR B 98 5.79 -10.29 -11.45
CA THR B 98 5.53 -11.64 -11.94
C THR B 98 6.85 -12.37 -12.09
N ASP B 99 7.03 -13.43 -11.31
CA ASP B 99 8.24 -14.25 -11.40
C ASP B 99 7.92 -15.51 -12.21
N THR B 100 7.37 -16.52 -11.53
CA THR B 100 6.86 -17.69 -12.23
C THR B 100 5.47 -17.43 -12.83
N GLY B 101 4.72 -16.52 -12.23
CA GLY B 101 3.38 -16.25 -12.68
C GLY B 101 2.34 -17.07 -11.94
N ASP B 102 2.79 -17.91 -11.01
CA ASP B 102 1.88 -18.72 -10.18
C ASP B 102 0.86 -17.87 -9.42
N SER B 103 1.31 -16.77 -8.82
CA SER B 103 0.39 -15.91 -8.06
C SER B 103 -0.70 -15.25 -8.91
N ILE B 104 -0.32 -14.61 -10.02
CA ILE B 104 -1.34 -13.96 -10.86
C ILE B 104 -2.27 -14.97 -11.51
N GLU B 105 -1.75 -16.15 -11.83
CA GLU B 105 -2.60 -17.20 -12.37
C GLU B 105 -3.66 -17.63 -11.34
N LEU B 106 -3.24 -17.77 -10.09
CA LEU B 106 -4.19 -18.11 -9.04
C LEU B 106 -5.19 -16.98 -8.86
N ALA B 107 -4.66 -15.76 -8.85
CA ALA B 107 -5.49 -14.60 -8.53
C ALA B 107 -6.58 -14.46 -9.59
N ARG B 108 -6.20 -14.52 -10.86
CA ARG B 108 -7.14 -14.44 -11.96
C ARG B 108 -8.24 -15.50 -11.87
N LYS B 109 -7.82 -16.73 -11.63
CA LYS B 109 -8.73 -17.87 -11.53
C LYS B 109 -9.66 -17.67 -10.34
N TYR B 110 -9.10 -17.25 -9.20
CA TYR B 110 -9.90 -17.04 -8.00
C TYR B 110 -10.93 -15.91 -8.20
N VAL B 111 -10.51 -14.82 -8.84
CA VAL B 111 -11.38 -13.68 -9.06
C VAL B 111 -12.52 -14.01 -10.03
N MET B 112 -12.19 -14.67 -11.14
CA MET B 112 -13.20 -15.10 -12.10
C MET B 112 -14.26 -15.97 -11.44
N GLU B 113 -13.83 -16.88 -10.57
CA GLU B 113 -14.75 -17.86 -10.00
C GLU B 113 -15.56 -17.35 -8.81
N ASN B 114 -14.98 -16.43 -8.04
CA ASN B 114 -15.62 -16.01 -6.78
C ASN B 114 -16.17 -14.59 -6.77
N PHE B 115 -15.67 -13.73 -7.65
CA PHE B 115 -16.15 -12.35 -7.72
C PHE B 115 -17.00 -12.14 -8.98
N ARG B 116 -16.77 -12.98 -9.99
CA ARG B 116 -17.56 -12.96 -11.23
C ARG B 116 -17.67 -11.58 -11.87
N PRO B 117 -16.53 -10.97 -12.22
CA PRO B 117 -16.51 -9.66 -12.86
C PRO B 117 -16.90 -9.81 -14.31
N THR B 118 -17.20 -8.70 -14.97
CA THR B 118 -17.46 -8.68 -16.39
C THR B 118 -16.18 -9.03 -17.15
N GLU B 119 -15.06 -8.48 -16.69
CA GLU B 119 -13.76 -8.71 -17.31
C GLU B 119 -12.63 -8.61 -16.27
N VAL B 120 -11.57 -9.40 -16.47
CA VAL B 120 -10.42 -9.40 -15.57
C VAL B 120 -9.12 -9.23 -16.33
N LYS B 121 -8.30 -8.28 -15.91
CA LYS B 121 -6.93 -8.19 -16.40
C LYS B 121 -5.92 -8.18 -15.24
N THR B 122 -4.68 -8.53 -15.55
CA THR B 122 -3.60 -8.60 -14.58
C THR B 122 -2.51 -7.60 -14.89
N ALA B 123 -1.85 -7.09 -13.85
CA ALA B 123 -0.79 -6.11 -14.01
C ALA B 123 0.24 -6.18 -12.87
N THR B 124 1.52 -6.12 -13.23
CA THR B 124 2.55 -6.09 -12.21
C THR B 124 3.59 -5.03 -12.57
N LEU B 125 4.29 -4.51 -11.57
CA LEU B 125 5.31 -3.51 -11.86
C LEU B 125 6.37 -4.15 -12.75
N GLN B 126 6.82 -5.34 -12.36
CA GLN B 126 7.91 -5.98 -13.06
C GLN B 126 7.52 -7.38 -13.51
N TYR B 127 8.30 -7.89 -14.46
CA TYR B 127 7.96 -9.15 -15.11
C TYR B 127 9.26 -9.80 -15.56
N ILE B 128 9.50 -11.01 -15.09
CA ILE B 128 10.78 -11.69 -15.37
C ILE B 128 10.60 -12.63 -16.54
N LYS B 129 11.03 -12.18 -17.72
CA LYS B 129 10.76 -12.91 -18.95
C LYS B 129 11.16 -14.40 -18.92
N PRO B 130 12.38 -14.69 -18.44
CA PRO B 130 12.89 -16.07 -18.43
C PRO B 130 12.12 -17.01 -17.51
N ALA B 131 11.47 -16.47 -16.48
CA ALA B 131 10.88 -17.33 -15.47
C ALA B 131 9.36 -17.48 -15.57
N ALA B 132 8.71 -16.54 -16.25
CA ALA B 132 7.26 -16.43 -16.18
C ALA B 132 6.52 -17.39 -17.11
N LYS B 133 5.80 -18.35 -16.53
CA LYS B 133 4.91 -19.23 -17.28
C LYS B 133 3.73 -18.45 -17.82
N ILE B 134 3.23 -17.51 -17.01
CA ILE B 134 2.15 -16.62 -17.39
C ILE B 134 2.67 -15.21 -17.46
N ILE B 135 2.28 -14.47 -18.48
CA ILE B 135 2.66 -13.06 -18.62
C ILE B 135 1.47 -12.15 -18.31
N PRO B 136 1.69 -11.14 -17.44
CA PRO B 136 0.59 -10.26 -17.04
C PRO B 136 0.15 -9.41 -18.22
N ASP B 137 -1.10 -8.97 -18.21
CA ASP B 137 -1.61 -8.17 -19.32
C ASP B 137 -0.85 -6.88 -19.45
N TYR B 138 -0.43 -6.34 -18.31
CA TYR B 138 0.36 -5.11 -18.30
C TYR B 138 1.52 -5.26 -17.34
N TYR B 139 2.65 -4.66 -17.69
CA TYR B 139 3.77 -4.55 -16.79
C TYR B 139 4.54 -3.29 -17.15
N ALA B 140 5.20 -2.70 -16.16
CA ALA B 140 5.97 -1.49 -16.40
C ALA B 140 7.37 -1.83 -16.90
N GLU B 141 7.98 -2.87 -16.35
CA GLU B 141 9.38 -3.17 -16.65
C GLU B 141 9.63 -4.65 -16.87
N GLU B 142 10.22 -4.98 -18.01
CA GLU B 142 10.60 -6.35 -18.29
C GLU B 142 12.00 -6.61 -17.76
N ILE B 143 12.18 -7.75 -17.10
CA ILE B 143 13.48 -8.14 -16.55
C ILE B 143 13.94 -9.37 -17.32
N VAL B 144 15.14 -9.32 -17.87
CA VAL B 144 15.62 -10.47 -18.66
C VAL B 144 16.64 -11.33 -17.93
N SER B 145 17.09 -10.85 -16.78
CA SER B 145 18.01 -11.61 -15.95
C SER B 145 17.51 -11.61 -14.49
N TRP B 146 17.13 -12.78 -13.98
CA TRP B 146 16.61 -12.91 -12.62
C TRP B 146 17.47 -12.18 -11.58
N ALA B 147 16.79 -11.50 -10.67
CA ALA B 147 17.44 -10.89 -9.52
C ALA B 147 16.38 -10.75 -8.42
N TRP B 148 16.81 -10.67 -7.17
CA TRP B 148 15.86 -10.44 -6.11
C TRP B 148 15.62 -8.95 -5.99
N PHE B 149 14.37 -8.54 -6.13
CA PHE B 149 14.04 -7.13 -6.00
C PHE B 149 13.58 -6.81 -4.59
N MET B 150 14.37 -6.00 -3.91
CA MET B 150 14.10 -5.61 -2.54
C MET B 150 13.31 -4.30 -2.55
N TYR B 151 11.99 -4.40 -2.36
CA TYR B 151 11.10 -3.24 -2.40
C TYR B 151 11.11 -2.46 -1.09
N PRO B 152 10.81 -1.15 -1.16
CA PRO B 152 10.90 -0.24 0.00
C PRO B 152 9.87 -0.56 1.09
N TRP B 153 8.86 -1.36 0.77
CA TRP B 153 7.91 -1.84 1.78
C TRP B 153 8.33 -3.19 2.36
N ASN B 154 9.50 -3.64 1.96
CA ASN B 154 9.99 -4.97 2.32
C ASN B 154 11.39 -4.94 2.94
N TYR B 155 11.92 -3.75 3.21
CA TYR B 155 13.32 -3.63 3.64
C TYR B 155 13.63 -4.44 4.91
N TRP B 156 12.75 -4.39 5.91
CA TRP B 156 13.00 -5.13 7.13
C TRP B 156 12.96 -6.63 6.87
N GLU B 157 11.90 -7.09 6.21
CA GLU B 157 11.74 -8.51 6.01
C GLU B 157 12.86 -9.10 5.16
N ASP B 158 13.19 -8.43 4.05
CA ASP B 158 14.20 -8.94 3.15
C ASP B 158 15.55 -8.98 3.83
N GLU B 159 15.89 -7.92 4.56
CA GLU B 159 17.18 -7.87 5.21
C GLU B 159 17.26 -8.95 6.28
N ILE B 160 16.15 -9.18 6.98
CA ILE B 160 16.12 -10.19 8.03
C ILE B 160 16.42 -11.55 7.42
N ASN B 161 15.83 -11.83 6.26
CA ASN B 161 16.11 -13.07 5.55
C ASN B 161 17.51 -13.17 4.94
N LEU B 162 17.96 -12.09 4.32
CA LEU B 162 19.29 -12.04 3.73
C LEU B 162 20.37 -12.25 4.80
N VAL B 163 20.13 -11.70 5.99
CA VAL B 163 21.04 -11.86 7.11
C VAL B 163 20.98 -13.30 7.60
N ASN B 164 19.77 -13.82 7.74
CA ASN B 164 19.60 -15.19 8.20
C ASN B 164 20.27 -16.22 7.26
N LYS B 165 20.21 -16.01 5.95
CA LYS B 165 20.86 -16.91 5.00
C LYS B 165 22.37 -16.95 5.18
N ILE B 166 22.92 -15.86 5.72
CA ILE B 166 24.35 -15.80 6.03
C ILE B 166 24.64 -16.44 7.39
N LEU B 167 23.82 -16.12 8.38
CA LEU B 167 23.98 -16.64 9.74
C LEU B 167 23.89 -18.17 9.83
N ILE B 168 23.05 -18.77 8.99
CA ILE B 168 22.85 -20.23 9.04
C ILE B 168 24.02 -20.99 8.40
N GLU B 169 25.18 -20.35 8.32
CA GLU B 169 26.37 -20.98 7.78
C GLU B 169 27.58 -20.55 8.59
N ARG B 170 27.31 -20.02 9.78
CA ARG B 170 28.35 -19.46 10.65
C ARG B 170 29.44 -20.48 10.93
N LYS B 171 29.11 -21.39 11.85
CA LYS B 171 30.05 -22.30 12.50
C LYS B 171 30.62 -21.65 13.77
N THR B 172 29.76 -20.84 14.39
CA THR B 172 30.06 -20.11 15.62
C THR B 172 28.75 -19.54 16.11
N LYS B 173 28.29 -19.98 17.28
CA LYS B 173 27.02 -19.47 17.78
C LYS B 173 27.11 -18.02 18.27
N ASP B 174 28.24 -17.37 18.00
CA ASP B 174 28.39 -15.95 18.31
C ASP B 174 28.24 -15.16 17.03
N ILE B 175 27.66 -13.96 17.13
CA ILE B 175 27.45 -13.16 15.93
C ILE B 175 28.34 -11.92 15.91
N ASP B 176 29.25 -11.89 14.95
CA ASP B 176 30.13 -10.75 14.75
C ASP B 176 29.54 -9.87 13.64
N ILE B 177 29.20 -8.64 14.00
CA ILE B 177 28.50 -7.72 13.10
C ILE B 177 29.35 -7.27 11.91
N ASN B 178 30.61 -6.95 12.16
CA ASN B 178 31.54 -6.55 11.10
C ASN B 178 31.69 -7.62 10.02
N GLU B 179 31.75 -8.87 10.46
CA GLU B 179 31.82 -10.02 9.56
C GLU B 179 30.53 -10.12 8.77
N LEU B 180 29.43 -9.90 9.47
CA LEU B 180 28.12 -9.87 8.85
C LEU B 180 28.03 -8.82 7.74
N LYS B 181 28.39 -7.57 8.06
CA LYS B 181 28.36 -6.49 7.08
C LYS B 181 29.19 -6.85 5.86
N ARG B 182 30.31 -7.50 6.11
CA ARG B 182 31.26 -7.82 5.07
C ARG B 182 30.63 -8.85 4.14
N ASN B 183 30.07 -9.89 4.74
CA ASN B 183 29.43 -10.95 3.97
C ASN B 183 28.24 -10.44 3.18
N PHE B 184 27.53 -9.48 3.77
CA PHE B 184 26.42 -8.84 3.11
C PHE B 184 26.86 -8.21 1.79
N VAL B 185 27.98 -7.48 1.83
CA VAL B 185 28.54 -6.90 0.62
C VAL B 185 28.99 -8.01 -0.34
N GLU B 186 29.70 -8.98 0.20
CA GLU B 186 30.21 -10.08 -0.62
C GLU B 186 29.11 -10.92 -1.30
N SER B 187 28.07 -11.28 -0.56
CA SER B 187 27.01 -12.13 -1.10
C SER B 187 25.94 -11.39 -1.91
N TYR B 188 25.66 -10.15 -1.52
CA TYR B 188 24.54 -9.41 -2.10
C TYR B 188 24.93 -8.12 -2.83
N GLY B 189 26.10 -7.58 -2.50
CA GLY B 189 26.58 -6.36 -3.13
C GLY B 189 26.01 -5.08 -2.53
N ILE B 190 25.50 -5.17 -1.31
CA ILE B 190 24.95 -4.00 -0.64
C ILE B 190 25.89 -3.57 0.48
N GLU B 191 26.50 -2.39 0.38
CA GLU B 191 27.33 -1.96 1.49
C GLU B 191 26.57 -1.07 2.47
N ASN B 192 25.57 -0.35 1.97
CA ASN B 192 24.74 0.51 2.79
C ASN B 192 23.26 0.06 2.78
N PRO B 193 22.93 -0.98 3.53
CA PRO B 193 21.53 -1.43 3.53
C PRO B 193 20.60 -0.31 4.03
N PRO B 194 19.39 -0.22 3.47
CA PRO B 194 18.41 0.79 3.92
C PRO B 194 18.23 0.76 5.45
N ILE B 195 18.06 -0.43 6.03
CA ILE B 195 18.04 -0.58 7.47
C ILE B 195 19.41 -1.10 7.94
N SER B 196 20.02 -0.41 8.91
CA SER B 196 21.31 -0.82 9.42
C SER B 196 21.24 -2.23 9.99
N LEU B 197 22.28 -3.02 9.73
CA LEU B 197 22.27 -4.42 10.16
C LEU B 197 22.15 -4.59 11.67
N ASP B 198 22.62 -3.62 12.44
CA ASP B 198 22.44 -3.71 13.88
C ASP B 198 20.97 -3.63 14.28
N LYS B 199 20.20 -2.75 13.65
CA LYS B 199 18.75 -2.76 13.89
C LYS B 199 18.12 -4.09 13.51
N ILE B 200 18.53 -4.65 12.37
CA ILE B 200 18.02 -5.94 11.91
C ILE B 200 18.24 -7.03 12.96
N LEU B 201 19.46 -7.07 13.49
CA LEU B 201 19.83 -8.05 14.50
C LEU B 201 19.00 -7.92 15.78
N THR B 202 18.86 -6.70 16.27
CA THR B 202 18.00 -6.45 17.41
C THR B 202 16.58 -6.98 17.15
N GLU B 203 16.04 -6.69 15.97
CA GLU B 203 14.70 -7.14 15.62
C GLU B 203 14.63 -8.66 15.44
N MET B 204 15.71 -9.27 14.96
CA MET B 204 15.77 -10.73 14.85
C MET B 204 15.71 -11.40 16.22
N LYS B 205 16.35 -10.79 17.20
CA LYS B 205 16.29 -11.29 18.57
C LYS B 205 14.86 -11.18 19.11
N ARG B 206 14.29 -9.99 18.99
CA ARG B 206 12.93 -9.76 19.45
C ARG B 206 11.96 -10.78 18.86
N ARG B 207 12.21 -11.18 17.62
CA ARG B 207 11.35 -12.14 16.94
C ARG B 207 11.78 -13.57 17.21
N LYS B 208 12.81 -13.72 18.05
CA LYS B 208 13.36 -15.03 18.40
C LYS B 208 13.86 -15.81 17.19
N ILE B 209 14.52 -15.12 16.26
CA ILE B 209 15.14 -15.79 15.11
C ILE B 209 16.60 -16.04 15.44
N VAL B 210 17.14 -15.22 16.32
CA VAL B 210 18.46 -15.44 16.88
C VAL B 210 18.43 -15.09 18.38
#